data_4GIE
#
_entry.id   4GIE
#
_cell.length_a   155.540
_cell.length_b   50.340
_cell.length_c   37.600
_cell.angle_alpha   90.000
_cell.angle_beta   94.230
_cell.angle_gamma   90.000
#
_symmetry.space_group_name_H-M   'C 1 2 1'
#
loop_
_entity.id
_entity.type
_entity.pdbx_description
1 polymer 'Prostaglandin F synthase'
2 non-polymer 'ACETATE ION'
3 non-polymer 'NADP NICOTINAMIDE-ADENINE-DINUCLEOTIDE PHOSPHATE'
4 water water
#
_entity_poly.entity_id   1
_entity_poly.type   'polypeptide(L)'
_entity_poly.pdbx_seq_one_letter_code
;MAHHHHHHMNCNYNCVTLHNSVRMPQLGLGVWRAQDGAETANAVRWAIEAGYRHIDTAYIYSNERGVGQGIRESGVPREE
VWVTTKVWNSDQGYEKTLAAFERSRELLGLEYIDLYLIHWPGKKKFVDTWKALEKLYEEKKVRAIGVSNFEPHHLTELFK
SCKIRPMVNQVELHPLFQQRTLREFCKQHNIAITAWSPLGSGEEAGILKNHVLGEIAKKHNKSPAQVVIRWDIQHGIVTI
PKSTNKGRIQENFNVWDFKLTEEEMRQIDELNEDKRIGADPDNFFPGGEE
;
_entity_poly.pdbx_strand_id   A
#
loop_
_chem_comp.id
_chem_comp.type
_chem_comp.name
_chem_comp.formula
ACT non-polymer 'ACETATE ION' 'C2 H3 O2 -1'
NAP non-polymer 'NADP NICOTINAMIDE-ADENINE-DINUCLEOTIDE PHOSPHATE' 'C21 H28 N7 O17 P3'
#
# COMPACT_ATOMS: atom_id res chain seq x y z
N ALA A 2 17.74 -16.20 4.84
CA ALA A 2 17.52 -16.69 6.23
C ALA A 2 16.12 -16.34 6.71
N HIS A 3 15.64 -17.10 7.70
CA HIS A 3 14.29 -16.91 8.22
C HIS A 3 14.09 -15.48 8.77
N HIS A 4 15.13 -14.90 9.38
CA HIS A 4 15.03 -13.55 9.92
C HIS A 4 14.63 -12.50 8.86
N HIS A 5 14.98 -12.75 7.60
CA HIS A 5 14.58 -11.85 6.50
C HIS A 5 13.06 -11.79 6.31
N HIS A 6 12.36 -12.87 6.66
CA HIS A 6 10.89 -12.89 6.63
C HIS A 6 10.32 -11.82 7.56
N HIS A 7 11.06 -11.49 8.62
CA HIS A 7 10.68 -10.50 9.63
C HIS A 7 11.37 -9.16 9.45
N HIS A 8 12.15 -9.01 8.38
CA HIS A 8 12.72 -7.70 8.04
C HIS A 8 13.55 -7.12 9.18
N MET A 9 14.48 -7.93 9.67
CA MET A 9 15.30 -7.60 10.86
C MET A 9 16.66 -6.98 10.54
N ASN A 10 17.32 -7.51 9.53
CA ASN A 10 18.61 -7.01 9.06
C ASN A 10 18.45 -6.49 7.64
N CYS A 11 18.12 -5.20 7.54
CA CYS A 11 17.87 -4.56 6.25
C CYS A 11 17.89 -3.03 6.39
N ASN A 12 17.96 -2.35 5.26
CA ASN A 12 18.10 -0.88 5.23
C ASN A 12 16.79 -0.15 5.47
N TYR A 13 15.69 -0.76 5.04
CA TYR A 13 14.37 -0.14 5.16
C TYR A 13 13.77 -0.41 6.55
N ASN A 14 12.96 0.52 7.01
CA ASN A 14 12.18 0.38 8.24
C ASN A 14 10.90 -0.42 7.99
N CYS A 15 10.30 -0.89 9.08
CA CYS A 15 8.96 -1.47 9.07
C CYS A 15 8.01 -0.75 10.01
N VAL A 16 6.72 -0.91 9.73
CA VAL A 16 5.65 -0.55 10.65
CA VAL A 16 5.69 -0.57 10.70
C VAL A 16 5.11 -1.86 11.25
N THR A 17 4.77 -1.85 12.52
CA THR A 17 4.29 -3.06 13.19
C THR A 17 2.79 -3.02 13.28
N LEU A 18 2.14 -4.07 12.77
CA LEU A 18 0.69 -4.17 12.80
C LEU A 18 0.21 -4.70 14.14
N HIS A 19 -1.10 -4.63 14.39
CA HIS A 19 -1.57 -4.94 15.73
C HIS A 19 -1.42 -6.39 16.14
N ASN A 20 -1.20 -7.28 15.16
CA ASN A 20 -0.91 -8.67 15.43
C ASN A 20 0.59 -8.97 15.47
N SER A 21 1.41 -7.93 15.58
CA SER A 21 2.88 -8.00 15.71
C SER A 21 3.62 -8.29 14.41
N VAL A 22 2.91 -8.41 13.29
CA VAL A 22 3.55 -8.60 12.00
C VAL A 22 4.25 -7.30 11.57
N ARG A 23 5.46 -7.44 11.04
CA ARG A 23 6.27 -6.33 10.60
C ARG A 23 6.14 -6.14 9.09
N MET A 24 5.61 -4.98 8.72
CA MET A 24 5.33 -4.63 7.33
C MET A 24 6.38 -3.65 6.80
N PRO A 25 7.09 -4.01 5.72
CA PRO A 25 8.08 -3.07 5.17
C PRO A 25 7.45 -1.73 4.81
N GLN A 26 8.09 -0.65 5.27
CA GLN A 26 7.49 0.66 5.17
C GLN A 26 7.52 1.27 3.78
N LEU A 27 8.38 0.75 2.92
CA LEU A 27 8.47 1.18 1.52
C LEU A 27 8.18 -0.02 0.64
N GLY A 28 7.27 0.15 -0.32
CA GLY A 28 7.00 -0.86 -1.32
C GLY A 28 6.85 -0.25 -2.70
N LEU A 29 6.77 -1.13 -3.70
CA LEU A 29 6.56 -0.74 -5.08
C LEU A 29 5.10 -0.94 -5.45
N GLY A 30 4.42 0.13 -5.85
CA GLY A 30 3.09 0.02 -6.43
C GLY A 30 3.17 -0.35 -7.89
N VAL A 31 2.19 -1.12 -8.38
CA VAL A 31 2.20 -1.57 -9.79
C VAL A 31 0.91 -1.23 -10.53
N TRP A 32 0.05 -0.37 -9.99
CA TRP A 32 -1.11 0.08 -10.77
C TRP A 32 -0.62 0.80 -12.03
N ARG A 33 -1.22 0.42 -13.17
CA ARG A 33 -0.92 0.96 -14.52
CA ARG A 33 -0.94 0.97 -14.51
C ARG A 33 0.31 0.37 -15.16
N ALA A 34 0.99 -0.56 -14.48
CA ALA A 34 2.02 -1.35 -15.14
C ALA A 34 1.33 -2.48 -15.91
N GLN A 35 1.63 -2.60 -17.20
CA GLN A 35 1.01 -3.64 -18.02
C GLN A 35 1.46 -5.02 -17.54
N ASP A 36 0.55 -5.98 -17.57
CA ASP A 36 0.92 -7.33 -17.20
C ASP A 36 1.99 -7.87 -18.15
N GLY A 37 2.72 -8.87 -17.69
CA GLY A 37 3.83 -9.42 -18.42
C GLY A 37 5.10 -8.64 -18.14
N ALA A 38 5.90 -8.44 -19.18
CA ALA A 38 7.24 -7.92 -19.02
C ALA A 38 7.31 -6.60 -18.26
N GLU A 39 6.41 -5.66 -18.51
CA GLU A 39 6.54 -4.35 -17.85
C GLU A 39 6.45 -4.49 -16.34
N THR A 40 5.49 -5.28 -15.87
CA THR A 40 5.33 -5.51 -14.43
C THR A 40 6.45 -6.40 -13.89
N ALA A 41 6.76 -7.49 -14.59
CA ALA A 41 7.81 -8.41 -14.11
C ALA A 41 9.13 -7.67 -13.98
N ASN A 42 9.46 -6.86 -14.98
CA ASN A 42 10.71 -6.11 -14.93
C ASN A 42 10.71 -5.10 -13.78
N ALA A 43 9.64 -4.34 -13.62
CA ALA A 43 9.57 -3.36 -12.53
C ALA A 43 9.76 -4.05 -11.18
N VAL A 44 9.04 -5.15 -10.97
CA VAL A 44 9.13 -5.89 -9.72
C VAL A 44 10.55 -6.44 -9.51
N ARG A 45 11.13 -7.04 -10.55
CA ARG A 45 12.46 -7.61 -10.44
C ARG A 45 13.48 -6.50 -10.15
N TRP A 46 13.40 -5.39 -10.88
CA TRP A 46 14.29 -4.28 -10.63
C TRP A 46 14.14 -3.73 -9.22
N ALA A 47 12.92 -3.64 -8.73
CA ALA A 47 12.68 -3.15 -7.37
C ALA A 47 13.34 -4.11 -6.37
N ILE A 48 13.11 -5.40 -6.53
CA ILE A 48 13.73 -6.36 -5.63
C ILE A 48 15.26 -6.27 -5.69
N GLU A 49 15.81 -6.16 -6.89
CA GLU A 49 17.26 -6.00 -7.05
C GLU A 49 17.78 -4.76 -6.34
N ALA A 50 16.98 -3.69 -6.33
CA ALA A 50 17.38 -2.44 -5.68
C ALA A 50 17.24 -2.48 -4.16
N GLY A 51 16.53 -3.47 -3.62
CA GLY A 51 16.35 -3.63 -2.20
C GLY A 51 14.91 -3.63 -1.71
N TYR A 52 13.93 -3.35 -2.57
CA TYR A 52 12.54 -3.38 -2.11
C TYR A 52 12.15 -4.78 -1.70
N ARG A 53 11.34 -4.87 -0.65
CA ARG A 53 10.84 -6.16 -0.17
C ARG A 53 9.32 -6.13 0.08
N HIS A 54 8.62 -5.35 -0.75
CA HIS A 54 7.18 -5.15 -0.62
C HIS A 54 6.67 -4.70 -1.99
N ILE A 55 5.68 -5.42 -2.49
CA ILE A 55 4.98 -5.11 -3.74
C ILE A 55 3.49 -4.96 -3.44
N ASP A 56 2.87 -3.91 -3.98
CA ASP A 56 1.43 -3.68 -3.86
C ASP A 56 0.75 -3.87 -5.20
N THR A 57 -0.14 -4.86 -5.26
CA THR A 57 -0.94 -5.10 -6.46
C THR A 57 -2.42 -5.26 -6.06
N ALA A 58 -3.23 -5.74 -7.01
CA ALA A 58 -4.67 -5.91 -6.81
C ALA A 58 -5.18 -6.75 -7.96
N TYR A 59 -6.24 -7.53 -7.73
CA TYR A 59 -6.82 -8.26 -8.84
CA TYR A 59 -6.89 -8.25 -8.85
C TYR A 59 -7.12 -7.32 -10.02
N ILE A 60 -7.72 -6.16 -9.75
CA ILE A 60 -8.17 -5.27 -10.81
C ILE A 60 -7.02 -4.62 -11.58
N TYR A 61 -5.79 -4.66 -11.08
CA TYR A 61 -4.66 -4.12 -11.82
C TYR A 61 -4.28 -5.04 -12.98
N SER A 62 -4.80 -6.26 -12.98
CA SER A 62 -4.62 -7.21 -14.09
CA SER A 62 -4.62 -7.23 -14.08
C SER A 62 -3.20 -7.73 -14.22
N ASN A 63 -2.35 -7.56 -13.21
CA ASN A 63 -0.94 -7.87 -13.34
C ASN A 63 -0.38 -8.72 -12.19
N GLU A 64 -1.25 -9.43 -11.47
CA GLU A 64 -0.77 -10.37 -10.47
C GLU A 64 0.16 -11.43 -11.10
N ARG A 65 -0.12 -11.85 -12.34
CA ARG A 65 0.78 -12.81 -12.99
C ARG A 65 2.18 -12.23 -13.10
N GLY A 66 2.28 -11.01 -13.63
CA GLY A 66 3.56 -10.32 -13.75
C GLY A 66 4.28 -10.12 -12.42
N VAL A 67 3.53 -9.83 -11.36
CA VAL A 67 4.16 -9.65 -10.04
C VAL A 67 4.86 -10.94 -9.60
N GLY A 68 4.16 -12.06 -9.69
CA GLY A 68 4.76 -13.33 -9.29
C GLY A 68 5.93 -13.72 -10.18
N GLN A 69 5.83 -13.41 -11.46
CA GLN A 69 6.92 -13.66 -12.38
C GLN A 69 8.15 -12.85 -12.00
N GLY A 70 7.99 -11.57 -11.67
CA GLY A 70 9.11 -10.75 -11.24
C GLY A 70 9.74 -11.27 -9.96
N ILE A 71 8.91 -11.70 -9.02
CA ILE A 71 9.44 -12.25 -7.78
C ILE A 71 10.29 -13.49 -8.07
N ARG A 72 9.78 -14.40 -8.88
CA ARG A 72 10.52 -15.62 -9.19
C ARG A 72 11.80 -15.31 -9.96
N GLU A 73 11.71 -14.40 -10.94
CA GLU A 73 12.90 -14.02 -11.72
C GLU A 73 13.99 -13.39 -10.88
N SER A 74 13.61 -12.71 -9.81
CA SER A 74 14.59 -12.06 -8.93
C SER A 74 15.48 -13.05 -8.18
N GLY A 75 14.98 -14.27 -7.99
CA GLY A 75 15.70 -15.31 -7.24
C GLY A 75 15.68 -15.13 -5.74
N VAL A 76 15.08 -14.05 -5.21
CA VAL A 76 15.07 -13.81 -3.78
C VAL A 76 14.00 -14.74 -3.19
N PRO A 77 14.33 -15.46 -2.09
CA PRO A 77 13.33 -16.35 -1.51
C PRO A 77 12.02 -15.61 -1.22
N ARG A 78 10.89 -16.21 -1.58
CA ARG A 78 9.60 -15.54 -1.47
C ARG A 78 9.31 -15.07 -0.05
N GLU A 79 9.75 -15.81 0.94
CA GLU A 79 9.52 -15.45 2.35
C GLU A 79 10.11 -14.09 2.73
N GLU A 80 11.07 -13.59 1.96
CA GLU A 80 11.70 -12.30 2.24
C GLU A 80 10.93 -11.13 1.64
N VAL A 81 9.91 -11.39 0.83
CA VAL A 81 9.17 -10.35 0.13
C VAL A 81 7.74 -10.30 0.65
N TRP A 82 7.23 -9.10 0.88
CA TRP A 82 5.85 -8.86 1.25
C TRP A 82 5.00 -8.59 0.00
N VAL A 83 3.90 -9.31 -0.13
CA VAL A 83 2.95 -9.09 -1.22
C VAL A 83 1.59 -8.72 -0.66
N THR A 84 1.09 -7.57 -1.11
CA THR A 84 -0.29 -7.15 -0.85
C THR A 84 -1.13 -7.31 -2.11
N THR A 85 -2.33 -7.87 -1.97
CA THR A 85 -3.32 -7.76 -3.03
C THR A 85 -4.69 -7.51 -2.40
N LYS A 86 -5.71 -7.40 -3.24
CA LYS A 86 -6.99 -6.79 -2.86
C LYS A 86 -8.15 -7.47 -3.56
N VAL A 87 -9.25 -7.59 -2.82
CA VAL A 87 -10.50 -8.13 -3.36
C VAL A 87 -11.28 -7.00 -4.02
N TRP A 88 -11.57 -7.21 -5.30
CA TRP A 88 -12.26 -6.22 -6.10
C TRP A 88 -13.76 -6.19 -5.81
N ASN A 89 -14.39 -5.08 -6.19
CA ASN A 89 -15.77 -4.77 -5.86
C ASN A 89 -16.75 -5.88 -6.28
N SER A 90 -16.50 -6.45 -7.47
CA SER A 90 -17.36 -7.49 -8.01
CA SER A 90 -17.32 -7.52 -8.03
C SER A 90 -17.30 -8.79 -7.20
N ASP A 91 -16.25 -8.95 -6.39
CA ASP A 91 -16.03 -10.17 -5.66
C ASP A 91 -16.39 -10.07 -4.18
N GLN A 92 -16.99 -8.95 -3.78
CA GLN A 92 -17.41 -8.80 -2.40
C GLN A 92 -18.56 -9.79 -2.07
N GLY A 93 -18.70 -10.09 -0.79
CA GLY A 93 -19.58 -11.15 -0.32
C GLY A 93 -18.75 -12.34 0.12
N TYR A 94 -19.23 -13.07 1.12
CA TYR A 94 -18.39 -14.08 1.79
C TYR A 94 -17.80 -15.11 0.82
N GLU A 95 -18.65 -15.86 0.13
CA GLU A 95 -18.14 -16.90 -0.75
C GLU A 95 -17.35 -16.35 -1.94
N LYS A 96 -17.81 -15.23 -2.51
CA LYS A 96 -17.11 -14.64 -3.64
C LYS A 96 -15.73 -14.15 -3.25
N THR A 97 -15.58 -13.69 -2.01
CA THR A 97 -14.30 -13.20 -1.54
C THR A 97 -13.33 -14.36 -1.31
N LEU A 98 -13.81 -15.46 -0.72
CA LEU A 98 -12.96 -16.64 -0.57
C LEU A 98 -12.48 -17.11 -1.93
N ALA A 99 -13.37 -17.14 -2.91
CA ALA A 99 -12.99 -17.57 -4.26
C ALA A 99 -12.00 -16.61 -4.91
N ALA A 100 -12.22 -15.31 -4.77
CA ALA A 100 -11.34 -14.32 -5.34
C ALA A 100 -9.94 -14.39 -4.75
N PHE A 101 -9.86 -14.67 -3.44
CA PHE A 101 -8.57 -14.84 -2.80
C PHE A 101 -7.80 -16.00 -3.43
N GLU A 102 -8.47 -17.13 -3.60
CA GLU A 102 -7.81 -18.27 -4.21
C GLU A 102 -7.30 -17.95 -5.60
N ARG A 103 -8.11 -17.24 -6.39
CA ARG A 103 -7.69 -16.86 -7.73
C ARG A 103 -6.44 -15.97 -7.69
N SER A 104 -6.44 -14.97 -6.80
CA SER A 104 -5.29 -14.10 -6.68
C SER A 104 -4.02 -14.86 -6.26
N ARG A 105 -4.16 -15.74 -5.28
CA ARG A 105 -3.05 -16.55 -4.79
CA ARG A 105 -3.03 -16.51 -4.80
C ARG A 105 -2.47 -17.40 -5.92
N GLU A 106 -3.36 -18.00 -6.71
CA GLU A 106 -2.94 -18.80 -7.86
C GLU A 106 -2.23 -17.96 -8.92
N LEU A 107 -2.80 -16.81 -9.27
CA LEU A 107 -2.15 -15.97 -10.28
C LEU A 107 -0.76 -15.54 -9.83
N LEU A 108 -0.63 -15.17 -8.56
CA LEU A 108 0.64 -14.77 -7.99
C LEU A 108 1.64 -15.93 -7.87
N GLY A 109 1.13 -17.15 -7.81
CA GLY A 109 1.94 -18.35 -7.64
C GLY A 109 2.44 -18.53 -6.22
N LEU A 110 1.61 -18.19 -5.24
CA LEU A 110 1.99 -18.18 -3.82
C LEU A 110 1.18 -19.19 -3.02
N GLU A 111 1.72 -19.62 -1.89
CA GLU A 111 1.00 -20.46 -0.94
C GLU A 111 0.26 -19.62 0.09
N TYR A 112 0.75 -18.41 0.34
CA TYR A 112 0.14 -17.46 1.28
C TYR A 112 0.35 -16.06 0.70
N ILE A 113 -0.52 -15.15 1.10
CA ILE A 113 -0.38 -13.73 0.77
C ILE A 113 -0.09 -12.97 2.07
N ASP A 114 0.76 -11.97 2.03
CA ASP A 114 1.08 -11.25 3.27
C ASP A 114 -0.08 -10.40 3.77
N LEU A 115 -0.68 -9.62 2.87
CA LEU A 115 -1.76 -8.72 3.23
C LEU A 115 -2.85 -8.78 2.17
N TYR A 116 -4.09 -8.97 2.63
CA TYR A 116 -5.24 -8.94 1.74
C TYR A 116 -6.17 -7.83 2.21
N LEU A 117 -6.57 -6.97 1.26
CA LEU A 117 -7.38 -5.80 1.56
C LEU A 117 -8.72 -5.82 0.84
N ILE A 118 -9.77 -5.32 1.53
CA ILE A 118 -10.99 -4.90 0.85
C ILE A 118 -10.66 -3.66 0.04
N HIS A 119 -10.80 -3.74 -1.28
CA HIS A 119 -10.27 -2.68 -2.14
C HIS A 119 -11.02 -1.34 -2.00
N TRP A 120 -12.35 -1.38 -2.07
CA TRP A 120 -13.20 -0.19 -1.89
C TRP A 120 -14.38 -0.59 -1.00
N PRO A 121 -14.87 0.34 -0.17
CA PRO A 121 -15.93 -0.06 0.76
C PRO A 121 -17.27 -0.37 0.10
N GLY A 122 -17.66 0.38 -0.92
CA GLY A 122 -19.07 0.33 -1.37
C GLY A 122 -19.97 0.69 -0.19
N LYS A 123 -21.12 0.04 -0.12
CA LYS A 123 -22.16 0.38 0.86
C LYS A 123 -22.65 -0.78 1.72
N LYS A 124 -22.80 -1.97 1.12
CA LYS A 124 -23.64 -3.01 1.71
C LYS A 124 -22.99 -4.37 1.90
N LYS A 125 -21.81 -4.61 1.34
CA LYS A 125 -21.22 -5.95 1.39
C LYS A 125 -19.87 -6.02 2.11
N PHE A 126 -19.36 -4.90 2.63
CA PHE A 126 -18.03 -4.92 3.22
C PHE A 126 -17.96 -5.69 4.54
N VAL A 127 -19.04 -5.71 5.32
CA VAL A 127 -19.06 -6.48 6.54
C VAL A 127 -18.94 -7.98 6.26
N ASP A 128 -19.71 -8.47 5.29
CA ASP A 128 -19.67 -9.89 4.93
C ASP A 128 -18.32 -10.26 4.29
N THR A 129 -17.79 -9.35 3.48
CA THR A 129 -16.46 -9.51 2.90
C THR A 129 -15.40 -9.64 3.99
N TRP A 130 -15.51 -8.79 5.00
CA TRP A 130 -14.56 -8.83 6.11
C TRP A 130 -14.58 -10.18 6.81
N LYS A 131 -15.76 -10.79 6.95
CA LYS A 131 -15.87 -12.10 7.57
CA LYS A 131 -15.87 -12.10 7.57
C LYS A 131 -15.05 -13.15 6.80
N ALA A 132 -15.01 -13.02 5.47
CA ALA A 132 -14.17 -13.92 4.66
C ALA A 132 -12.69 -13.68 4.94
N LEU A 133 -12.29 -12.41 5.04
CA LEU A 133 -10.89 -12.11 5.38
C LEU A 133 -10.54 -12.69 6.75
N GLU A 134 -11.45 -12.62 7.73
CA GLU A 134 -11.19 -13.22 9.04
C GLU A 134 -10.99 -14.74 8.91
N LYS A 135 -11.79 -15.38 8.05
CA LYS A 135 -11.66 -16.83 7.83
C LYS A 135 -10.31 -17.17 7.20
N LEU A 136 -9.91 -16.41 6.18
CA LEU A 136 -8.63 -16.63 5.53
C LEU A 136 -7.47 -16.47 6.53
N TYR A 137 -7.59 -15.49 7.41
CA TYR A 137 -6.61 -15.24 8.45
C TYR A 137 -6.55 -16.41 9.46
N GLU A 138 -7.71 -16.87 9.90
CA GLU A 138 -7.78 -18.04 10.77
CA GLU A 138 -7.80 -18.04 10.77
C GLU A 138 -7.12 -19.25 10.13
N GLU A 139 -7.31 -19.42 8.82
CA GLU A 139 -6.75 -20.54 8.06
C GLU A 139 -5.25 -20.39 7.74
N LYS A 140 -4.64 -19.26 8.15
CA LYS A 140 -3.22 -18.98 7.90
C LYS A 140 -2.88 -18.84 6.44
N LYS A 141 -3.88 -18.49 5.62
CA LYS A 141 -3.66 -18.24 4.20
C LYS A 141 -3.13 -16.83 3.94
N VAL A 142 -3.35 -15.94 4.91
CA VAL A 142 -2.94 -14.54 4.85
CA VAL A 142 -2.91 -14.58 4.83
C VAL A 142 -2.32 -14.18 6.19
N ARG A 143 -1.26 -13.36 6.17
CA ARG A 143 -0.57 -12.97 7.41
C ARG A 143 -1.17 -11.75 8.10
N ALA A 144 -1.95 -10.98 7.35
CA ALA A 144 -2.52 -9.73 7.82
C ALA A 144 -3.70 -9.38 6.93
N ILE A 145 -4.70 -8.71 7.50
CA ILE A 145 -5.93 -8.36 6.80
C ILE A 145 -6.26 -6.90 7.06
N GLY A 146 -6.81 -6.23 6.06
CA GLY A 146 -7.15 -4.83 6.21
C GLY A 146 -8.07 -4.36 5.11
N VAL A 147 -8.18 -3.05 5.00
CA VAL A 147 -9.13 -2.38 4.13
C VAL A 147 -8.43 -1.26 3.37
N SER A 148 -9.14 -0.70 2.41
CA SER A 148 -8.63 0.40 1.61
C SER A 148 -9.77 1.35 1.32
N ASN A 149 -9.47 2.66 1.40
CA ASN A 149 -10.44 3.70 1.11
C ASN A 149 -11.60 3.71 2.08
N PHE A 150 -11.37 3.28 3.32
CA PHE A 150 -12.40 3.36 4.36
C PHE A 150 -12.28 4.66 5.13
N GLU A 151 -13.43 5.31 5.31
CA GLU A 151 -13.57 6.51 6.12
C GLU A 151 -13.86 6.10 7.57
N PRO A 152 -13.77 7.06 8.51
CA PRO A 152 -14.11 6.72 9.88
C PRO A 152 -15.49 6.08 10.02
N HIS A 153 -16.49 6.55 9.27
CA HIS A 153 -17.82 5.96 9.40
C HIS A 153 -17.83 4.49 8.96
N HIS A 154 -17.09 4.15 7.90
CA HIS A 154 -17.05 2.76 7.46
C HIS A 154 -16.38 1.88 8.53
N LEU A 155 -15.30 2.39 9.10
CA LEU A 155 -14.58 1.64 10.11
C LEU A 155 -15.44 1.43 11.36
N THR A 156 -16.11 2.47 11.83
CA THR A 156 -17.00 2.36 12.96
C THR A 156 -18.10 1.34 12.71
N GLU A 157 -18.65 1.34 11.51
CA GLU A 157 -19.68 0.37 11.16
C GLU A 157 -19.09 -1.05 11.20
N LEU A 158 -17.90 -1.24 10.64
CA LEU A 158 -17.26 -2.54 10.63
C LEU A 158 -16.94 -3.01 12.05
N PHE A 159 -16.51 -2.09 12.92
CA PHE A 159 -16.14 -2.45 14.29
C PHE A 159 -17.29 -3.11 15.03
N LYS A 160 -18.52 -2.73 14.69
CA LYS A 160 -19.71 -3.29 15.34
C LYS A 160 -19.96 -4.75 15.01
N SER A 161 -19.32 -5.25 13.94
CA SER A 161 -19.51 -6.61 13.49
C SER A 161 -18.26 -7.50 13.51
N CYS A 162 -17.07 -6.92 13.57
CA CYS A 162 -15.89 -7.74 13.37
C CYS A 162 -15.40 -8.43 14.64
N LYS A 163 -14.65 -9.51 14.42
CA LYS A 163 -13.94 -10.22 15.48
C LYS A 163 -12.47 -9.79 15.58
N ILE A 164 -11.90 -9.46 14.42
CA ILE A 164 -10.53 -8.95 14.28
C ILE A 164 -10.66 -7.61 13.58
N ARG A 165 -10.14 -6.55 14.19
CA ARG A 165 -10.21 -5.24 13.55
C ARG A 165 -9.20 -5.16 12.40
N PRO A 166 -9.51 -4.35 11.37
CA PRO A 166 -8.53 -4.15 10.29
C PRO A 166 -7.16 -3.72 10.81
N MET A 167 -6.13 -4.22 10.15
CA MET A 167 -4.75 -3.95 10.55
C MET A 167 -4.11 -2.82 9.78
N VAL A 168 -4.65 -2.57 8.58
CA VAL A 168 -4.17 -1.57 7.64
C VAL A 168 -5.38 -0.89 7.00
N ASN A 169 -5.25 0.40 6.71
CA ASN A 169 -6.16 1.14 5.83
C ASN A 169 -5.30 1.86 4.81
N GLN A 170 -5.40 1.43 3.55
CA GLN A 170 -4.62 2.01 2.47
C GLN A 170 -5.47 3.09 1.78
N VAL A 171 -5.00 4.33 1.82
CA VAL A 171 -5.78 5.47 1.37
C VAL A 171 -4.89 6.43 0.61
N GLU A 172 -5.52 7.26 -0.22
CA GLU A 172 -4.81 8.33 -0.91
C GLU A 172 -4.18 9.26 0.11
N LEU A 173 -2.88 9.53 0.00
CA LEU A 173 -2.22 10.40 0.98
C LEU A 173 -0.94 10.96 0.38
N HIS A 174 -0.92 12.28 0.22
CA HIS A 174 0.23 12.97 -0.33
C HIS A 174 0.20 14.41 0.19
N PRO A 175 1.20 15.22 -0.15
CA PRO A 175 1.22 16.55 0.49
C PRO A 175 0.02 17.45 0.22
N LEU A 176 -0.77 17.22 -0.82
CA LEU A 176 -1.98 18.02 -1.03
C LEU A 176 -3.24 17.47 -0.37
N PHE A 177 -3.20 16.22 0.08
CA PHE A 177 -4.36 15.54 0.68
C PHE A 177 -3.84 14.69 1.83
N GLN A 178 -3.81 15.27 3.02
CA GLN A 178 -3.05 14.68 4.13
C GLN A 178 -3.88 13.90 5.13
N GLN A 179 -5.19 13.80 4.89
CA GLN A 179 -6.03 12.83 5.62
C GLN A 179 -5.97 12.97 7.15
N ARG A 180 -5.97 14.20 7.65
CA ARG A 180 -5.68 14.40 9.07
C ARG A 180 -6.71 13.72 9.96
N THR A 181 -7.98 13.84 9.64
CA THR A 181 -9.02 13.25 10.48
C THR A 181 -8.94 11.73 10.47
N LEU A 182 -8.80 11.12 9.30
CA LEU A 182 -8.72 9.68 9.19
C LEU A 182 -7.45 9.17 9.89
N ARG A 183 -6.35 9.89 9.74
CA ARG A 183 -5.11 9.51 10.41
CA ARG A 183 -5.11 9.52 10.41
C ARG A 183 -5.23 9.54 11.92
N GLU A 184 -5.92 10.54 12.47
CA GLU A 184 -6.16 10.59 13.90
C GLU A 184 -6.99 9.37 14.33
N PHE A 185 -8.02 9.04 13.57
CA PHE A 185 -8.89 7.91 13.91
C PHE A 185 -8.08 6.60 13.89
N CYS A 186 -7.29 6.42 12.84
CA CYS A 186 -6.55 5.18 12.70
C CYS A 186 -5.41 5.06 13.74
N LYS A 187 -4.80 6.19 14.10
CA LYS A 187 -3.83 6.18 15.19
C LYS A 187 -4.49 5.76 16.51
N GLN A 188 -5.64 6.33 16.80
CA GLN A 188 -6.34 6.03 18.04
C GLN A 188 -6.61 4.52 18.15
N HIS A 189 -6.99 3.90 17.03
CA HIS A 189 -7.44 2.51 16.99
C HIS A 189 -6.39 1.53 16.48
N ASN A 190 -5.15 1.97 16.36
CA ASN A 190 -4.04 1.09 16.03
C ASN A 190 -4.21 0.39 14.66
N ILE A 191 -4.65 1.19 13.67
CA ILE A 191 -4.75 0.74 12.29
C ILE A 191 -3.66 1.45 11.52
N ALA A 192 -2.75 0.71 10.90
CA ALA A 192 -1.64 1.31 10.16
C ALA A 192 -2.17 1.91 8.87
N ILE A 193 -1.59 3.02 8.44
CA ILE A 193 -1.94 3.66 7.20
C ILE A 193 -0.90 3.38 6.13
N THR A 194 -1.36 3.01 4.94
CA THR A 194 -0.53 3.00 3.73
C THR A 194 -1.02 4.10 2.80
N ALA A 195 -0.07 4.89 2.29
CA ALA A 195 -0.37 5.97 1.34
C ALA A 195 -0.35 5.48 -0.09
N TRP A 196 -1.49 5.57 -0.76
CA TRP A 196 -1.53 5.44 -2.19
C TRP A 196 -1.46 6.79 -2.91
N SER A 197 -1.11 6.76 -4.19
CA SER A 197 -0.70 7.96 -4.92
CA SER A 197 -0.76 7.98 -4.91
C SER A 197 0.16 8.87 -4.06
N PRO A 198 1.22 8.30 -3.44
CA PRO A 198 2.03 9.13 -2.53
C PRO A 198 2.77 10.27 -3.21
N LEU A 199 2.98 10.14 -4.53
CA LEU A 199 3.62 11.17 -5.34
C LEU A 199 2.61 11.94 -6.20
N GLY A 200 1.32 11.79 -5.93
CA GLY A 200 0.30 12.47 -6.69
C GLY A 200 -0.10 11.82 -8.00
N SER A 201 0.39 10.60 -8.29
CA SER A 201 -0.05 9.84 -9.47
C SER A 201 0.25 10.52 -10.80
N GLY A 202 1.40 11.17 -10.88
CA GLY A 202 1.84 11.74 -12.15
C GLY A 202 1.85 13.25 -12.20
N GLU A 203 2.16 13.78 -13.37
CA GLU A 203 2.48 15.19 -13.48
C GLU A 203 1.27 16.10 -13.34
N GLU A 204 0.06 15.61 -13.65
CA GLU A 204 -1.13 16.46 -13.61
C GLU A 204 -1.30 17.14 -12.25
N ALA A 205 -1.09 16.39 -11.17
CA ALA A 205 -1.26 16.92 -9.82
C ALA A 205 -0.15 17.90 -9.41
N GLY A 206 1.00 17.81 -10.07
CA GLY A 206 2.06 18.81 -9.92
C GLY A 206 2.88 18.75 -8.65
N ILE A 207 2.74 17.68 -7.86
CA ILE A 207 3.40 17.65 -6.55
C ILE A 207 4.92 17.73 -6.67
N LEU A 208 5.48 17.01 -7.62
CA LEU A 208 6.94 16.92 -7.73
C LEU A 208 7.58 18.21 -8.22
N LYS A 209 6.79 19.17 -8.71
CA LYS A 209 7.29 20.49 -9.09
C LYS A 209 7.05 21.56 -8.02
N ASN A 210 6.48 21.19 -6.89
CA ASN A 210 6.16 22.16 -5.84
C ASN A 210 7.44 22.85 -5.35
N HIS A 211 7.39 24.16 -5.17
CA HIS A 211 8.58 24.93 -4.84
CA HIS A 211 8.58 24.92 -4.85
C HIS A 211 9.15 24.59 -3.47
N VAL A 212 8.28 24.39 -2.49
CA VAL A 212 8.74 24.03 -1.15
C VAL A 212 9.48 22.69 -1.15
N LEU A 213 8.91 21.69 -1.81
CA LEU A 213 9.56 20.40 -1.94
C LEU A 213 10.90 20.54 -2.68
N GLY A 214 10.92 21.42 -3.68
CA GLY A 214 12.15 21.64 -4.43
C GLY A 214 13.24 22.24 -3.57
N GLU A 215 12.90 23.18 -2.70
CA GLU A 215 13.89 23.79 -1.81
C GLU A 215 14.43 22.80 -0.77
N ILE A 216 13.56 21.97 -0.22
CA ILE A 216 13.98 20.95 0.71
C ILE A 216 14.87 19.90 0.03
N ALA A 217 14.47 19.49 -1.16
CA ALA A 217 15.26 18.58 -1.99
C ALA A 217 16.65 19.13 -2.22
N LYS A 218 16.73 20.42 -2.59
CA LYS A 218 18.01 21.07 -2.85
C LYS A 218 18.91 21.04 -1.60
N LYS A 219 18.32 21.29 -0.43
CA LYS A 219 19.07 21.33 0.81
C LYS A 219 19.73 19.99 1.08
N HIS A 220 19.04 18.90 0.73
CA HIS A 220 19.50 17.54 1.00
C HIS A 220 20.19 16.87 -0.18
N ASN A 221 20.31 17.57 -1.30
CA ASN A 221 20.76 16.95 -2.55
C ASN A 221 20.02 15.64 -2.84
N LYS A 222 18.69 15.72 -2.73
CA LYS A 222 17.79 14.64 -3.05
C LYS A 222 16.79 15.17 -4.07
N SER A 223 15.95 14.29 -4.61
CA SER A 223 14.87 14.73 -5.48
C SER A 223 13.60 15.04 -4.69
N PRO A 224 12.70 15.85 -5.25
CA PRO A 224 11.40 16.05 -4.59
C PRO A 224 10.68 14.73 -4.26
N ALA A 225 10.71 13.75 -5.16
CA ALA A 225 10.09 12.46 -4.88
C ALA A 225 10.69 11.80 -3.64
N GLN A 226 12.01 11.82 -3.53
CA GLN A 226 12.69 11.26 -2.37
C GLN A 226 12.29 11.99 -1.09
N VAL A 227 12.15 13.32 -1.17
CA VAL A 227 11.69 14.10 -0.04
C VAL A 227 10.28 13.68 0.39
N VAL A 228 9.34 13.52 -0.56
CA VAL A 228 7.99 13.11 -0.22
C VAL A 228 8.00 11.72 0.43
N ILE A 229 8.74 10.78 -0.14
CA ILE A 229 8.81 9.44 0.42
C ILE A 229 9.38 9.50 1.84
N ARG A 230 10.42 10.30 2.06
CA ARG A 230 11.00 10.43 3.40
C ARG A 230 10.01 11.06 4.39
N TRP A 231 9.22 12.03 3.93
CA TRP A 231 8.15 12.63 4.74
C TRP A 231 7.13 11.56 5.16
N ASP A 232 6.73 10.71 4.22
CA ASP A 232 5.86 9.57 4.55
C ASP A 232 6.51 8.73 5.65
N ILE A 233 7.77 8.37 5.46
CA ILE A 233 8.49 7.50 6.40
C ILE A 233 8.50 8.11 7.78
N GLN A 234 8.85 9.38 7.88
CA GLN A 234 8.97 10.04 9.19
C GLN A 234 7.63 10.25 9.87
N HIS A 235 6.54 10.25 9.12
CA HIS A 235 5.20 10.23 9.67
C HIS A 235 4.72 8.83 10.06
N GLY A 236 5.56 7.80 9.91
CA GLY A 236 5.16 6.44 10.30
C GLY A 236 4.15 5.79 9.35
N ILE A 237 4.07 6.32 8.14
CA ILE A 237 3.15 5.85 7.10
CA ILE A 237 3.18 5.90 7.04
C ILE A 237 3.91 4.87 6.19
N VAL A 238 3.25 3.80 5.78
CA VAL A 238 3.77 2.92 4.74
C VAL A 238 3.51 3.63 3.41
N THR A 239 4.46 3.58 2.47
CA THR A 239 4.32 4.26 1.21
C THR A 239 4.69 3.34 0.06
N ILE A 240 3.90 3.39 -1.01
CA ILE A 240 4.00 2.46 -2.13
C ILE A 240 4.11 3.18 -3.47
N PRO A 241 5.12 4.05 -3.63
CA PRO A 241 5.28 4.74 -4.88
C PRO A 241 5.42 3.77 -6.06
N LYS A 242 4.85 4.15 -7.20
CA LYS A 242 4.90 3.35 -8.42
C LYS A 242 5.88 3.92 -9.42
N SER A 243 6.68 3.04 -10.02
CA SER A 243 7.43 3.37 -11.21
C SER A 243 7.64 2.09 -12.02
N THR A 244 7.59 2.23 -13.34
CA THR A 244 8.04 1.16 -14.24
C THR A 244 9.42 1.44 -14.84
N ASN A 245 10.11 2.46 -14.36
CA ASN A 245 11.38 2.92 -14.90
C ASN A 245 12.49 2.48 -13.95
N LYS A 246 13.48 1.74 -14.45
CA LYS A 246 14.54 1.24 -13.58
C LYS A 246 15.21 2.34 -12.74
N GLY A 247 15.55 3.45 -13.37
CA GLY A 247 16.21 4.53 -12.67
C GLY A 247 15.37 5.14 -11.56
N ARG A 248 14.10 5.39 -11.83
CA ARG A 248 13.21 5.97 -10.82
C ARG A 248 12.87 4.97 -9.72
N ILE A 249 12.71 3.69 -10.07
CA ILE A 249 12.57 2.66 -9.05
C ILE A 249 13.74 2.74 -8.06
N GLN A 250 14.96 2.82 -8.59
CA GLN A 250 16.14 2.90 -7.75
C GLN A 250 16.17 4.19 -6.94
N GLU A 251 15.85 5.31 -7.58
CA GLU A 251 15.81 6.61 -6.92
C GLU A 251 14.86 6.57 -5.73
N ASN A 252 13.67 6.02 -5.91
CA ASN A 252 12.67 6.03 -4.85
C ASN A 252 13.06 5.19 -3.63
N PHE A 253 14.01 4.25 -3.79
CA PHE A 253 14.51 3.46 -2.67
C PHE A 253 15.58 4.18 -1.87
N ASN A 254 16.25 5.18 -2.45
CA ASN A 254 17.42 5.79 -1.84
C ASN A 254 17.01 6.91 -0.89
N VAL A 255 16.33 6.51 0.18
CA VAL A 255 15.68 7.43 1.12
C VAL A 255 16.06 7.14 2.57
N TRP A 256 17.06 6.29 2.78
CA TRP A 256 17.41 5.84 4.13
C TRP A 256 18.65 6.52 4.67
N ASP A 257 19.28 7.35 3.85
CA ASP A 257 20.54 8.01 4.25
C ASP A 257 20.40 9.52 4.43
N PHE A 258 19.19 10.00 4.66
CA PHE A 258 18.97 11.40 5.04
C PHE A 258 17.76 11.49 5.95
N LYS A 259 17.59 12.65 6.58
CA LYS A 259 16.51 12.89 7.52
C LYS A 259 16.00 14.29 7.29
N LEU A 260 14.67 14.46 7.31
CA LEU A 260 14.07 15.79 7.29
C LEU A 260 14.00 16.35 8.70
N THR A 261 14.28 17.64 8.85
CA THR A 261 14.22 18.29 10.14
C THR A 261 12.76 18.48 10.57
N GLU A 262 12.55 18.83 11.83
CA GLU A 262 11.21 19.12 12.30
C GLU A 262 10.57 20.24 11.47
N GLU A 263 11.35 21.26 11.18
CA GLU A 263 10.84 22.38 10.39
C GLU A 263 10.50 21.98 8.95
N GLU A 264 11.33 21.14 8.33
CA GLU A 264 11.05 20.66 6.97
C GLU A 264 9.76 19.82 6.95
N MET A 265 9.59 18.98 7.95
CA MET A 265 8.37 18.20 8.08
C MET A 265 7.16 19.13 8.20
N ARG A 266 7.26 20.16 9.04
CA ARG A 266 6.19 21.13 9.21
C ARG A 266 5.86 21.84 7.90
N GLN A 267 6.88 22.26 7.16
CA GLN A 267 6.65 22.97 5.90
C GLN A 267 5.88 22.10 4.92
N ILE A 268 6.19 20.80 4.88
CA ILE A 268 5.48 19.90 3.99
C ILE A 268 4.06 19.66 4.51
N ASP A 269 3.90 19.50 5.81
CA ASP A 269 2.57 19.38 6.41
C ASP A 269 1.69 20.56 5.99
N GLU A 270 2.25 21.76 5.96
CA GLU A 270 1.44 22.94 5.67
C GLU A 270 1.06 23.09 4.20
N LEU A 271 1.57 22.23 3.32
CA LEU A 271 1.09 22.19 1.92
C LEU A 271 -0.33 21.65 1.80
N ASN A 272 -0.86 21.03 2.84
CA ASN A 272 -2.17 20.38 2.72
C ASN A 272 -3.26 21.32 2.23
N GLU A 273 -4.01 20.85 1.24
CA GLU A 273 -5.20 21.56 0.74
CA GLU A 273 -5.20 21.55 0.73
C GLU A 273 -6.45 20.69 0.81
N ASP A 274 -6.34 19.48 1.36
CA ASP A 274 -7.45 18.51 1.29
C ASP A 274 -8.01 18.39 -0.14
N LYS A 275 -7.10 18.31 -1.11
CA LYS A 275 -7.45 18.20 -2.50
C LYS A 275 -7.31 16.74 -2.92
N ARG A 276 -8.44 16.05 -3.04
CA ARG A 276 -8.46 14.65 -3.43
C ARG A 276 -8.21 14.53 -4.93
N ILE A 277 -7.20 13.77 -5.34
CA ILE A 277 -6.80 13.57 -6.74
C ILE A 277 -7.44 12.32 -7.33
N GLY A 278 -7.59 11.29 -6.51
CA GLY A 278 -8.12 10.03 -6.93
C GLY A 278 -9.60 9.89 -6.62
N ALA A 279 -10.12 8.69 -6.76
CA ALA A 279 -11.55 8.44 -6.63
C ALA A 279 -12.04 8.58 -5.19
N ASP A 280 -13.31 8.92 -5.07
CA ASP A 280 -13.96 9.17 -3.81
C ASP A 280 -14.65 7.91 -3.30
N PRO A 281 -14.29 7.45 -2.09
CA PRO A 281 -14.90 6.31 -1.44
C PRO A 281 -16.45 6.35 -1.43
N ASP A 282 -17.03 7.53 -1.42
CA ASP A 282 -18.46 7.64 -1.38
C ASP A 282 -19.14 7.06 -2.60
N ASN A 283 -18.59 7.28 -3.78
CA ASN A 283 -19.29 6.90 -5.01
C ASN A 283 -18.50 6.00 -5.97
N PHE A 284 -17.26 5.67 -5.64
CA PHE A 284 -16.48 4.78 -6.50
C PHE A 284 -16.70 3.33 -6.11
N PHE A 285 -17.53 2.63 -6.87
CA PHE A 285 -17.74 1.19 -6.65
C PHE A 285 -18.14 0.52 -7.95
N PRO A 286 -17.37 0.71 -9.03
CA PRO A 286 -17.73 0.05 -10.27
C PRO A 286 -17.62 -1.46 -10.14
N GLY A 287 -18.48 -2.18 -10.85
CA GLY A 287 -18.43 -3.63 -10.89
C GLY A 287 -19.16 -4.37 -9.79
N GLY A 288 -19.83 -3.68 -8.89
CA GLY A 288 -20.62 -4.39 -7.85
C GLY A 288 -21.59 -5.43 -8.42
N GLU A 289 -21.81 -6.51 -7.66
CA GLU A 289 -22.73 -7.59 -8.08
C GLU A 289 -23.77 -7.88 -7.01
C ACT B . -7.31 1.53 -7.57
O ACT B . -8.55 1.65 -7.37
OXT ACT B . -6.57 0.80 -6.85
CH3 ACT B . -6.65 2.27 -8.69
PA NAP C . 2.36 7.50 -7.50
O1A NAP C . 3.22 6.43 -6.95
O2A NAP C . 1.87 8.61 -6.65
O5B NAP C . 2.94 8.19 -8.82
C5B NAP C . 3.37 7.40 -9.93
C4B NAP C . 3.75 8.35 -11.04
O4B NAP C . 4.93 9.09 -10.66
C3B NAP C . 4.09 7.68 -12.36
O3B NAP C . 3.71 8.53 -13.43
C2B NAP C . 5.59 7.52 -12.29
O2B NAP C . 6.19 7.45 -13.58
C1B NAP C . 6.00 8.79 -11.57
N9A NAP C . 7.22 8.69 -10.77
C8A NAP C . 7.51 7.70 -9.90
N7A NAP C . 8.68 7.93 -9.28
C5A NAP C . 9.15 9.09 -9.76
C6A NAP C . 10.33 9.90 -9.52
N6A NAP C . 11.27 9.50 -8.66
N1A NAP C . 10.45 11.02 -10.24
C2A NAP C . 9.53 11.41 -11.13
N3A NAP C . 8.41 10.75 -11.40
C4A NAP C . 8.20 9.60 -10.73
O3 NAP C . 1.03 6.88 -8.19
PN NAP C . 0.05 5.63 -8.00
O1N NAP C . 0.47 4.50 -8.87
O2N NAP C . -1.31 6.20 -8.22
O5D NAP C . 0.07 5.20 -6.46
C5D NAP C . 1.00 4.23 -5.98
C4D NAP C . 0.36 2.86 -5.79
O4D NAP C . -0.72 2.95 -4.87
C3D NAP C . -0.29 2.24 -7.02
O3D NAP C . 0.65 1.79 -8.00
C2D NAP C . -1.10 1.14 -6.38
O2D NAP C . -0.21 0.08 -6.00
C1D NAP C . -1.64 1.87 -5.14
N1N NAP C . -2.98 2.45 -5.32
C2N NAP C . -3.98 1.93 -4.59
C3N NAP C . -5.27 2.44 -4.68
C7N NAP C . -6.37 1.88 -3.85
O7N NAP C . -7.53 2.16 -4.13
N7N NAP C . -6.06 1.08 -2.82
C4N NAP C . -5.52 3.49 -5.57
C5N NAP C . -4.48 4.02 -6.31
C6N NAP C . -3.20 3.49 -6.17
P2B NAP C . 7.11 6.19 -14.03
O1X NAP C . 8.36 6.29 -13.19
O2X NAP C . 6.32 4.93 -13.78
O3X NAP C . 7.35 6.49 -15.48
#